data_3ZDW
#
_entry.id   3ZDW
#
_cell.length_a   102.140
_cell.length_b   102.140
_cell.length_c   136.850
_cell.angle_alpha   90.00
_cell.angle_beta   90.00
_cell.angle_gamma   120.00
#
_symmetry.space_group_name_H-M   'P 31 2 1'
#
loop_
_entity.id
_entity.type
_entity.pdbx_description
1 polymer 'COTA LACCASE'
2 non-polymer 'COPPER (I) ION'
3 non-polymer 'OXYGEN MOLECULE'
4 non-polymer 3-ETHYL-2-[(2Z)-2-(3-ETHYL-6-SULFO-1,3-BENZOTHIAZOL-2(3H)-YLIDENE)HYDRAZINO]-6-SULFO-3H-1,3-BENZOTHIAZOL-1-IUM
5 non-polymer GLYCEROL
6 water water
#
_entity_poly.entity_id   1
_entity_poly.type   'polypeptide(L)'
_entity_poly.pdbx_seq_one_letter_code
;MTLEKFVDALPIPDTLKPVQQSKEKTYYEVTMEECTHQLHRDLPPTRLWGYNGLFPGPTIEVKRNENVYVKWMNNLPSTH
FLPIDHTIHHSDSQHEEPEVKTVVHLHGGVTPDDSDGYPEAWFSKDFEQTGPYFKREVYHYPNQQRGAILWYHDHAMALT
RLNVYAGLVGAYIIHDPKEKRLKLPSDEYDVPLLITDRTINEDGSLFYPSAPENPSPSLPNPSIVPAFCGETILVNGKVW
PYLEVEPRKYRFRVINASNTRTYNLSLDNGGDFIQIGSDGGLLPRSVKLNSFSLAPAERYDIIIDFTAYEGESIILANSA
GCGGDVNPETDANIMQFRVTKPLAQKDESRKPKYLASYPSVQHERIQNIRTLKLAGTQDEYGRPVLLLNNKRWHDPVTET
PKVGTTEIWSIINPTRGTHPIHLHLVSFRVLDRRPFDIARYQESGELSYTGPAVPPPPSEKGWKDTIQAHAGEVLRIAAT
FGPYSGRYVWHCHILEHEDYDMMRPMDITDPHK
;
_entity_poly.pdbx_strand_id   A
#
loop_
_chem_comp.id
_chem_comp.type
_chem_comp.name
_chem_comp.formula
CU1 non-polymer 'COPPER (I) ION' 'Cu 1'
EBS non-polymer 3-ETHYL-2-[(2Z)-2-(3-ETHYL-6-SULFO-1,3-BENZOTHIAZOL-2(3H)-YLIDENE)HYDRAZINO]-6-SULFO-3H-1,3-BENZOTHIAZOL-1-IUM 'C18 H18 N4 O6 S4'
GOL non-polymer GLYCEROL 'C3 H8 O3'
OXY non-polymer 'OXYGEN MOLECULE' O2
#
# COMPACT_ATOMS: atom_id res chain seq x y z
N THR A 2 -1.79 16.74 -23.04
CA THR A 2 -1.96 15.61 -22.09
C THR A 2 -3.14 14.69 -22.45
N LEU A 3 -3.14 13.50 -21.83
CA LEU A 3 -4.03 12.43 -22.22
C LEU A 3 -5.48 12.72 -21.85
N GLU A 4 -6.33 12.43 -22.82
CA GLU A 4 -7.75 12.66 -22.71
C GLU A 4 -8.35 11.71 -21.66
N LYS A 5 -9.01 12.31 -20.69
CA LYS A 5 -9.58 11.61 -19.60
C LYS A 5 -10.78 10.77 -19.99
N PHE A 6 -10.89 9.61 -19.39
CA PHE A 6 -12.12 8.84 -19.43
C PHE A 6 -12.49 8.29 -20.80
N VAL A 7 -11.52 7.71 -21.47
CA VAL A 7 -11.75 7.06 -22.72
C VAL A 7 -11.43 5.58 -22.78
N ASP A 8 -10.85 5.01 -21.73
CA ASP A 8 -10.70 3.56 -21.65
C ASP A 8 -11.49 2.99 -20.49
N ALA A 9 -12.16 1.87 -20.71
CA ALA A 9 -12.85 1.13 -19.67
C ALA A 9 -11.85 0.69 -18.55
N LEU A 10 -12.30 0.72 -17.31
CA LEU A 10 -11.54 0.15 -16.19
C LEU A 10 -11.31 -1.35 -16.31
N PRO A 11 -10.05 -1.77 -16.42
CA PRO A 11 -9.81 -3.24 -16.39
C PRO A 11 -10.14 -3.82 -14.98
N ILE A 12 -10.69 -5.01 -14.96
CA ILE A 12 -10.99 -5.69 -13.75
C ILE A 12 -10.05 -6.88 -13.83
N PRO A 13 -8.98 -6.89 -13.07
CA PRO A 13 -8.11 -8.06 -13.19
C PRO A 13 -8.80 -9.37 -12.84
N ASP A 14 -8.47 -10.38 -13.62
CA ASP A 14 -8.89 -11.73 -13.39
C ASP A 14 -8.39 -12.28 -12.07
N THR A 15 -9.19 -13.14 -11.48
CA THR A 15 -8.87 -13.81 -10.34
C THR A 15 -7.94 -14.98 -10.77
N LEU A 16 -6.72 -15.02 -10.19
CA LEU A 16 -5.82 -16.14 -10.33
C LEU A 16 -6.47 -17.47 -9.99
N LYS A 17 -6.26 -18.41 -10.89
CA LYS A 17 -6.63 -19.80 -10.75
C LYS A 17 -5.44 -20.57 -10.23
N PRO A 18 -5.67 -21.39 -9.20
CA PRO A 18 -4.64 -22.24 -8.65
C PRO A 18 -4.13 -23.29 -9.63
N VAL A 19 -2.85 -23.67 -9.48
CA VAL A 19 -2.26 -24.79 -10.24
C VAL A 19 -2.75 -26.12 -9.66
N GLN A 20 -2.86 -26.20 -8.35
CA GLN A 20 -3.45 -27.36 -7.69
C GLN A 20 -4.23 -26.89 -6.51
N GLN A 21 -5.36 -27.55 -6.28
CA GLN A 21 -6.17 -27.19 -5.14
C GLN A 21 -6.83 -28.42 -4.58
N SER A 22 -6.76 -28.57 -3.27
CA SER A 22 -7.57 -29.57 -2.56
C SER A 22 -8.09 -28.89 -1.33
N LYS A 23 -8.91 -29.59 -0.58
CA LYS A 23 -9.39 -29.06 0.70
C LYS A 23 -8.24 -28.75 1.67
N GLU A 24 -7.09 -29.44 1.53
CA GLU A 24 -5.98 -29.24 2.46
C GLU A 24 -5.03 -28.14 2.06
N LYS A 25 -5.02 -27.77 0.80
CA LYS A 25 -3.93 -26.97 0.28
C LYS A 25 -4.28 -26.35 -1.06
N THR A 26 -3.94 -25.07 -1.22
CA THR A 26 -4.05 -24.37 -2.48
C THR A 26 -2.72 -23.87 -2.94
N TYR A 27 -2.36 -24.19 -4.18
CA TYR A 27 -1.03 -23.86 -4.69
C TYR A 27 -1.12 -23.05 -5.96
N TYR A 28 -0.43 -21.90 -5.95
CA TYR A 28 -0.39 -20.97 -7.05
C TYR A 28 1.04 -20.79 -7.53
N GLU A 29 1.16 -20.39 -8.80
CA GLU A 29 2.41 -20.03 -9.42
C GLU A 29 2.23 -18.71 -10.13
N VAL A 30 3.12 -17.79 -9.81
CA VAL A 30 3.12 -16.46 -10.33
C VAL A 30 4.56 -16.12 -10.77
N THR A 31 4.68 -15.82 -12.03
CA THR A 31 5.92 -15.48 -12.66
C THR A 31 5.97 -14.02 -13.04
N MET A 32 7.04 -13.33 -12.64
CA MET A 32 7.34 -11.93 -13.00
C MET A 32 7.91 -11.85 -14.41
N GLU A 33 7.27 -11.07 -15.26
CA GLU A 33 7.68 -11.03 -16.69
C GLU A 33 7.73 -9.61 -17.20
N GLU A 34 8.71 -9.29 -18.06
CA GLU A 34 8.66 -8.08 -18.81
C GLU A 34 7.57 -8.23 -19.87
N CYS A 35 6.67 -7.25 -20.02
CA CYS A 35 5.53 -7.38 -20.93
C CYS A 35 5.25 -5.95 -21.42
N THR A 36 4.37 -5.80 -22.41
CA THR A 36 3.98 -4.49 -22.89
C THR A 36 2.46 -4.44 -22.81
N HIS A 37 1.92 -3.35 -22.30
CA HIS A 37 0.47 -3.15 -22.29
C HIS A 37 0.18 -1.70 -22.60
N GLN A 38 -0.96 -1.51 -23.23
CA GLN A 38 -1.36 -0.14 -23.53
C GLN A 38 -2.03 0.47 -22.27
N LEU A 39 -1.54 1.59 -21.81
CA LEU A 39 -2.07 2.24 -20.61
C LEU A 39 -3.15 3.30 -20.94
N HIS A 40 -3.22 3.72 -22.20
CA HIS A 40 -4.27 4.72 -22.65
C HIS A 40 -4.53 4.54 -24.14
N ARG A 41 -5.78 4.67 -24.57
CA ARG A 41 -6.17 4.62 -25.99
C ARG A 41 -5.17 5.31 -26.94
N ASP A 42 -4.57 6.39 -26.52
CA ASP A 42 -3.71 7.16 -27.44
C ASP A 42 -2.24 6.96 -27.24
N LEU A 43 -1.81 5.90 -26.54
CA LEU A 43 -0.38 5.63 -26.36
C LEU A 43 0.02 4.35 -27.02
N PRO A 44 1.28 4.27 -27.49
CA PRO A 44 1.84 3.00 -27.88
C PRO A 44 2.00 2.19 -26.58
N PRO A 45 2.09 0.87 -26.68
CA PRO A 45 2.24 -0.03 -25.57
C PRO A 45 3.48 0.31 -24.71
N THR A 46 3.29 0.21 -23.41
CA THR A 46 4.34 0.50 -22.42
C THR A 46 4.96 -0.77 -22.01
N ARG A 47 6.27 -0.82 -22.06
CA ARG A 47 7.07 -1.91 -21.47
C ARG A 47 6.98 -1.86 -19.94
N LEU A 48 6.56 -2.98 -19.36
CA LEU A 48 6.31 -3.07 -17.91
C LEU A 48 6.82 -4.35 -17.36
N TRP A 49 6.87 -4.43 -16.03
CA TRP A 49 7.16 -5.64 -15.33
C TRP A 49 5.91 -6.05 -14.60
N GLY A 50 5.46 -7.26 -14.88
CA GLY A 50 4.20 -7.74 -14.40
C GLY A 50 4.19 -9.13 -13.82
N TYR A 51 3.44 -9.32 -12.73
CA TYR A 51 3.11 -10.64 -12.22
C TYR A 51 2.25 -11.33 -13.22
N ASN A 52 2.70 -12.51 -13.67
CA ASN A 52 2.15 -13.24 -14.87
C ASN A 52 1.98 -12.39 -16.13
N GLY A 53 2.83 -11.40 -16.27
CA GLY A 53 2.79 -10.55 -17.43
C GLY A 53 1.65 -9.59 -17.41
N LEU A 54 1.06 -9.33 -16.21
CA LEU A 54 -0.12 -8.46 -16.07
C LEU A 54 0.19 -7.28 -15.18
N PHE A 55 -0.36 -6.15 -15.55
CA PHE A 55 -0.32 -4.97 -14.71
C PHE A 55 -1.72 -4.31 -14.54
N PRO A 56 -2.25 -4.31 -13.33
CA PRO A 56 -1.71 -4.95 -12.08
C PRO A 56 -1.64 -6.44 -12.20
N GLY A 57 -1.15 -7.11 -11.18
CA GLY A 57 -1.00 -8.55 -11.29
C GLY A 57 -2.38 -9.15 -11.10
N PRO A 58 -2.51 -10.44 -11.26
CA PRO A 58 -3.83 -11.01 -11.01
C PRO A 58 -4.26 -10.88 -9.58
N THR A 59 -5.55 -10.76 -9.42
CA THR A 59 -6.17 -10.69 -8.12
C THR A 59 -6.25 -12.06 -7.57
N ILE A 60 -5.77 -12.23 -6.36
CA ILE A 60 -5.84 -13.52 -5.69
C ILE A 60 -6.91 -13.48 -4.59
N GLU A 61 -7.71 -14.51 -4.52
CA GLU A 61 -8.83 -14.62 -3.61
C GLU A 61 -8.73 -15.83 -2.75
N VAL A 62 -8.72 -15.60 -1.42
CA VAL A 62 -8.63 -16.68 -0.50
C VAL A 62 -9.67 -16.57 0.60
N LYS A 63 -9.88 -17.70 1.30
CA LYS A 63 -10.74 -17.76 2.45
C LYS A 63 -9.87 -17.64 3.66
N ARG A 64 -10.46 -17.16 4.73
CA ARG A 64 -9.78 -17.14 5.96
C ARG A 64 -9.39 -18.54 6.30
N ASN A 65 -8.15 -18.73 6.77
CA ASN A 65 -7.58 -20.08 7.14
C ASN A 65 -7.35 -21.04 5.96
N GLU A 66 -7.48 -20.56 4.74
CA GLU A 66 -7.19 -21.45 3.58
C GLU A 66 -5.69 -21.50 3.56
N ASN A 67 -5.21 -22.72 3.32
CA ASN A 67 -3.78 -23.02 3.46
C ASN A 67 -3.19 -22.79 2.11
N VAL A 68 -2.63 -21.60 1.91
CA VAL A 68 -2.15 -21.19 0.58
C VAL A 68 -0.67 -21.19 0.43
N TYR A 69 -0.22 -21.56 -0.80
CA TYR A 69 1.17 -21.48 -1.23
C TYR A 69 1.27 -20.74 -2.55
N VAL A 70 2.26 -19.89 -2.66
CA VAL A 70 2.50 -19.22 -3.94
C VAL A 70 3.99 -19.28 -4.21
N LYS A 71 4.33 -19.82 -5.37
CA LYS A 71 5.71 -19.84 -5.81
C LYS A 71 5.86 -18.60 -6.63
N TRP A 72 6.47 -17.58 -6.07
CA TRP A 72 6.68 -16.36 -6.80
C TRP A 72 8.03 -16.52 -7.54
N MET A 73 8.04 -16.38 -8.89
CA MET A 73 9.23 -16.66 -9.68
C MET A 73 9.63 -15.42 -10.43
N ASN A 74 10.95 -15.23 -10.56
CA ASN A 74 11.51 -14.14 -11.33
C ASN A 74 11.91 -14.68 -12.69
N ASN A 75 11.29 -14.15 -13.72
CA ASN A 75 11.67 -14.48 -15.09
C ASN A 75 11.85 -13.21 -15.88
N LEU A 76 12.35 -12.21 -15.19
CA LEU A 76 12.60 -10.91 -15.73
C LEU A 76 13.97 -10.93 -16.43
N PRO A 77 14.24 -9.92 -17.24
CA PRO A 77 15.52 -9.68 -17.79
C PRO A 77 16.54 -9.42 -16.72
N SER A 78 17.81 -9.55 -17.13
CA SER A 78 18.93 -9.53 -16.18
C SER A 78 19.36 -8.07 -15.93
N THR A 79 18.80 -7.13 -16.69
CA THR A 79 19.08 -5.72 -16.47
C THR A 79 17.78 -4.97 -16.32
N HIS A 80 17.78 -3.97 -15.45
CA HIS A 80 16.60 -3.17 -15.21
C HIS A 80 16.41 -2.24 -16.35
N PHE A 81 15.25 -1.61 -16.45
CA PHE A 81 15.06 -0.55 -17.42
C PHE A 81 14.82 0.78 -16.76
N LEU A 82 14.80 0.87 -15.43
CA LEU A 82 14.63 2.13 -14.76
C LEU A 82 15.92 2.52 -14.13
N PRO A 83 16.06 3.78 -13.74
CA PRO A 83 17.41 4.16 -13.32
C PRO A 83 17.83 3.64 -11.89
N ILE A 84 18.91 2.90 -11.80
CA ILE A 84 19.40 2.41 -10.55
C ILE A 84 20.52 3.28 -10.01
N ASP A 85 20.36 3.70 -8.74
CA ASP A 85 21.38 4.41 -8.01
C ASP A 85 22.21 3.41 -7.24
N HIS A 86 23.46 3.27 -7.62
CA HIS A 86 24.33 2.28 -7.01
C HIS A 86 24.93 2.70 -5.69
N THR A 87 24.68 3.91 -5.19
CA THR A 87 25.41 4.39 -3.99
C THR A 87 24.65 4.31 -2.72
N ILE A 88 23.38 3.87 -2.80
CA ILE A 88 22.53 3.74 -1.64
C ILE A 88 22.71 2.38 -0.98
N HIS A 89 23.33 1.40 -1.62
CA HIS A 89 23.48 0.10 -0.91
C HIS A 89 24.92 -0.26 -0.50
N GLU A 97 26.82 -9.70 -6.89
CA GLU A 97 25.34 -9.37 -6.79
C GLU A 97 24.67 -9.02 -8.13
N PRO A 98 23.59 -9.72 -8.47
CA PRO A 98 22.91 -9.32 -9.71
C PRO A 98 22.22 -7.99 -9.61
N GLU A 99 22.10 -7.36 -10.75
CA GLU A 99 21.43 -6.10 -10.85
C GLU A 99 19.92 -6.28 -10.45
N VAL A 100 19.26 -7.28 -11.01
CA VAL A 100 17.85 -7.43 -10.88
C VAL A 100 17.48 -8.41 -9.76
N LYS A 101 17.00 -7.87 -8.66
CA LYS A 101 16.65 -8.69 -7.54
C LYS A 101 15.19 -8.46 -7.22
N THR A 102 14.51 -9.53 -6.83
CA THR A 102 13.10 -9.44 -6.53
C THR A 102 12.74 -10.28 -5.37
N VAL A 103 11.70 -9.81 -4.70
CA VAL A 103 11.13 -10.60 -3.62
C VAL A 103 9.66 -10.17 -3.42
N VAL A 104 8.75 -11.14 -3.21
CA VAL A 104 7.34 -10.77 -3.12
C VAL A 104 6.81 -10.65 -1.64
N HIS A 105 6.28 -9.47 -1.28
CA HIS A 105 5.67 -9.25 0.04
C HIS A 105 4.14 -9.13 -0.04
N LEU A 106 3.45 -9.91 0.78
CA LEU A 106 2.02 -9.86 0.88
C LEU A 106 1.74 -8.89 2.00
N HIS A 107 1.46 -7.67 1.64
CA HIS A 107 1.18 -6.60 2.61
C HIS A 107 -0.12 -6.81 3.36
N GLY A 108 0.00 -6.88 4.70
CA GLY A 108 -1.14 -7.21 5.59
C GLY A 108 -1.13 -8.67 5.98
N GLY A 109 -0.28 -9.44 5.30
CA GLY A 109 -0.31 -10.91 5.46
C GLY A 109 0.13 -11.27 6.87
N VAL A 110 -0.61 -12.13 7.53
CA VAL A 110 -0.19 -12.72 8.81
C VAL A 110 0.63 -13.98 8.43
N THR A 111 1.94 -13.73 8.27
CA THR A 111 2.80 -14.58 7.48
C THR A 111 4.06 -15.03 8.22
N PRO A 112 4.36 -16.35 8.16
CA PRO A 112 5.66 -16.74 8.75
C PRO A 112 6.82 -15.98 8.12
N ASP A 113 7.84 -15.73 8.91
CA ASP A 113 8.80 -14.73 8.53
C ASP A 113 9.51 -15.00 7.20
N ASP A 114 9.72 -16.27 6.88
CA ASP A 114 10.46 -16.60 5.71
C ASP A 114 9.60 -16.63 4.47
N SER A 115 8.28 -16.40 4.66
CA SER A 115 7.37 -16.15 3.52
C SER A 115 6.91 -14.68 3.42
N ASP A 116 7.52 -13.82 4.19
CA ASP A 116 7.04 -12.42 4.30
C ASP A 116 7.69 -11.50 3.27
N GLY A 117 8.77 -11.97 2.66
CA GLY A 117 9.42 -11.21 1.64
C GLY A 117 10.29 -10.17 2.23
N TYR A 118 11.23 -10.61 3.07
CA TYR A 118 12.18 -9.74 3.71
C TYR A 118 12.99 -9.12 2.60
N PRO A 119 13.45 -7.88 2.79
CA PRO A 119 14.13 -7.23 1.67
C PRO A 119 15.38 -7.92 1.23
N GLU A 120 15.99 -8.63 2.18
CA GLU A 120 17.25 -9.29 1.85
C GLU A 120 17.00 -10.79 1.61
N ALA A 121 15.75 -11.20 1.41
CA ALA A 121 15.48 -12.56 0.95
C ALA A 121 15.16 -12.58 -0.57
N TRP A 122 15.75 -11.63 -1.29
CA TRP A 122 15.59 -11.50 -2.72
C TRP A 122 16.16 -12.63 -3.50
N PHE A 123 15.78 -12.69 -4.77
CA PHE A 123 16.26 -13.69 -5.67
C PHE A 123 16.31 -13.08 -7.08
N SER A 124 17.28 -13.53 -7.85
CA SER A 124 17.40 -13.12 -9.24
C SER A 124 16.63 -14.16 -10.03
N LYS A 125 16.68 -14.05 -11.35
CA LYS A 125 16.08 -14.97 -12.27
C LYS A 125 16.34 -16.43 -11.94
N ASP A 126 15.29 -17.22 -12.02
CA ASP A 126 15.23 -18.64 -11.64
C ASP A 126 15.93 -18.92 -10.31
N PHE A 127 16.00 -17.95 -9.40
CA PHE A 127 16.64 -18.20 -8.09
C PHE A 127 18.16 -18.53 -8.19
N GLU A 128 18.75 -18.14 -9.28
CA GLU A 128 20.18 -18.43 -9.51
C GLU A 128 21.01 -17.92 -8.33
N GLN A 129 20.83 -16.66 -7.95
CA GLN A 129 21.41 -16.10 -6.73
C GLN A 129 20.35 -15.64 -5.75
N THR A 130 20.63 -15.77 -4.48
CA THR A 130 19.66 -15.41 -3.47
C THR A 130 20.30 -14.57 -2.36
N GLY A 131 19.56 -13.64 -1.78
CA GLY A 131 20.08 -12.78 -0.75
C GLY A 131 20.30 -13.55 0.51
N PRO A 132 20.94 -12.93 1.49
CA PRO A 132 21.43 -13.72 2.64
C PRO A 132 20.32 -14.17 3.55
N TYR A 133 19.12 -13.59 3.44
CA TYR A 133 18.04 -14.07 4.26
C TYR A 133 17.01 -14.99 3.51
N PHE A 134 17.33 -15.41 2.30
CA PHE A 134 16.49 -16.36 1.54
C PHE A 134 16.47 -17.72 2.20
N LYS A 135 15.27 -18.31 2.30
CA LYS A 135 15.10 -19.67 2.76
C LYS A 135 14.31 -20.55 1.84
N ARG A 136 13.32 -20.04 1.12
CA ARG A 136 12.38 -20.88 0.37
C ARG A 136 11.90 -20.23 -0.93
N GLU A 137 11.55 -21.06 -1.91
CA GLU A 137 11.01 -20.57 -3.15
C GLU A 137 9.46 -20.41 -3.09
N VAL A 138 8.79 -21.29 -2.35
CA VAL A 138 7.36 -21.36 -2.37
C VAL A 138 6.90 -20.74 -1.06
N TYR A 139 6.30 -19.58 -1.13
CA TYR A 139 5.82 -18.85 0.05
C TYR A 139 4.53 -19.51 0.59
N HIS A 140 4.34 -19.41 1.89
CA HIS A 140 3.22 -20.03 2.64
C HIS A 140 2.41 -18.97 3.38
N TYR A 141 1.14 -18.83 3.01
CA TYR A 141 0.22 -17.88 3.58
C TYR A 141 -0.94 -18.71 4.21
N PRO A 142 -0.91 -18.90 5.56
CA PRO A 142 -1.96 -19.74 6.17
C PRO A 142 -3.25 -18.92 6.34
N ASN A 143 -3.15 -17.60 6.24
CA ASN A 143 -4.33 -16.73 6.19
C ASN A 143 -5.19 -16.78 7.43
N GLN A 144 -4.57 -16.83 8.58
CA GLN A 144 -5.26 -17.03 9.89
C GLN A 144 -5.43 -15.65 10.45
N GLN A 145 -6.31 -14.90 9.77
CA GLN A 145 -6.51 -13.49 10.06
C GLN A 145 -7.87 -13.02 9.59
N ARG A 146 -8.21 -11.80 9.96
CA ARG A 146 -9.49 -11.24 9.58
C ARG A 146 -9.60 -11.07 8.11
N GLY A 147 -10.81 -11.26 7.58
CA GLY A 147 -11.07 -10.89 6.22
C GLY A 147 -10.67 -9.43 5.94
N ALA A 148 -10.05 -9.19 4.81
CA ALA A 148 -9.53 -7.87 4.53
C ALA A 148 -8.96 -7.78 3.14
N ILE A 149 -8.73 -6.56 2.75
CA ILE A 149 -8.01 -6.24 1.54
C ILE A 149 -6.53 -6.20 1.79
N LEU A 150 -5.83 -7.14 1.17
CA LEU A 150 -4.34 -7.12 1.21
C LEU A 150 -3.87 -6.80 -0.18
N TRP A 151 -2.56 -6.66 -0.36
CA TRP A 151 -2.02 -6.46 -1.70
C TRP A 151 -0.61 -6.92 -1.70
N TYR A 152 -0.06 -7.31 -2.87
CA TYR A 152 1.25 -7.92 -2.94
C TYR A 152 2.10 -7.11 -3.84
N HIS A 153 3.37 -6.96 -3.50
CA HIS A 153 4.29 -6.18 -4.29
C HIS A 153 5.72 -6.54 -3.99
N ASP A 154 6.64 -6.03 -4.80
CA ASP A 154 8.05 -6.34 -4.65
C ASP A 154 8.57 -5.63 -3.43
N HIS A 155 9.59 -6.19 -2.78
CA HIS A 155 10.11 -5.61 -1.55
C HIS A 155 11.65 -5.73 -1.53
N ALA A 156 12.29 -5.75 -2.68
CA ALA A 156 13.69 -6.05 -2.73
C ALA A 156 14.56 -4.89 -2.23
N MET A 157 15.54 -5.22 -1.40
CA MET A 157 16.51 -4.26 -0.82
C MET A 157 16.94 -3.23 -1.84
N ALA A 158 16.67 -1.96 -1.54
CA ALA A 158 17.22 -0.86 -2.34
C ALA A 158 16.70 -0.68 -3.80
N LEU A 159 15.66 -1.46 -4.17
CA LEU A 159 15.10 -1.47 -5.48
C LEU A 159 13.58 -1.41 -5.41
N THR A 160 13.03 -1.29 -4.23
CA THR A 160 11.57 -1.46 -4.04
C THR A 160 10.80 -0.41 -4.85
N ARG A 161 11.29 0.82 -4.84
CA ARG A 161 10.59 1.89 -5.50
C ARG A 161 10.55 1.69 -7.01
N LEU A 162 11.63 1.07 -7.52
CA LEU A 162 11.81 0.86 -8.94
C LEU A 162 10.96 -0.31 -9.40
N ASN A 163 11.02 -1.39 -8.64
CA ASN A 163 10.38 -2.60 -9.07
C ASN A 163 8.87 -2.45 -8.95
N VAL A 164 8.39 -1.73 -7.92
CA VAL A 164 7.03 -1.43 -7.75
C VAL A 164 6.57 -0.49 -8.83
N TYR A 165 7.31 0.60 -9.07
CA TYR A 165 6.98 1.49 -10.19
C TYR A 165 6.89 0.78 -11.53
N ALA A 166 7.69 -0.27 -11.70
CA ALA A 166 7.70 -0.96 -12.96
C ALA A 166 6.44 -1.73 -13.21
N GLY A 167 5.70 -2.01 -12.16
CA GLY A 167 4.37 -2.60 -12.31
C GLY A 167 4.08 -3.80 -11.42
N LEU A 168 5.04 -4.14 -10.56
CA LEU A 168 4.87 -5.29 -9.66
C LEU A 168 3.97 -5.01 -8.46
N VAL A 169 2.68 -5.00 -8.74
CA VAL A 169 1.67 -4.90 -7.68
C VAL A 169 0.42 -5.70 -8.06
N GLY A 170 -0.30 -6.17 -7.04
CA GLY A 170 -1.55 -6.86 -7.23
C GLY A 170 -2.36 -6.87 -5.98
N ALA A 171 -3.66 -7.22 -6.13
CA ALA A 171 -4.56 -7.30 -4.97
C ALA A 171 -4.68 -8.69 -4.50
N TYR A 172 -4.95 -8.83 -3.19
CA TYR A 172 -5.13 -10.12 -2.60
C TYR A 172 -6.22 -9.93 -1.58
N ILE A 173 -7.32 -10.66 -1.76
CA ILE A 173 -8.51 -10.47 -0.91
C ILE A 173 -8.72 -11.70 -0.07
N ILE A 174 -8.80 -11.51 1.25
CA ILE A 174 -9.23 -12.59 2.16
C ILE A 174 -10.73 -12.45 2.52
N HIS A 175 -11.50 -13.44 2.18
CA HIS A 175 -12.90 -13.55 2.47
C HIS A 175 -13.15 -14.45 3.70
N ASP A 176 -13.80 -13.90 4.71
CA ASP A 176 -14.20 -14.63 5.84
C ASP A 176 -15.68 -14.98 5.66
N PRO A 177 -16.02 -16.28 5.48
CA PRO A 177 -17.43 -16.58 5.29
C PRO A 177 -18.41 -16.21 6.42
N LYS A 178 -17.96 -15.85 7.62
CA LYS A 178 -18.82 -15.30 8.65
C LYS A 178 -19.31 -13.91 8.26
N GLU A 179 -18.59 -13.26 7.37
CA GLU A 179 -19.04 -11.94 6.90
C GLU A 179 -20.13 -11.97 5.84
N LYS A 180 -20.42 -13.12 5.29
CA LYS A 180 -21.44 -13.29 4.24
C LYS A 180 -22.80 -12.77 4.66
N ARG A 181 -23.13 -13.00 5.92
CA ARG A 181 -24.41 -12.62 6.50
C ARG A 181 -24.72 -11.11 6.47
N LEU A 182 -23.69 -10.27 6.41
CA LEU A 182 -23.85 -8.83 6.30
C LEU A 182 -24.45 -8.47 4.93
N LYS A 183 -24.23 -9.33 3.94
CA LYS A 183 -24.79 -9.20 2.61
C LYS A 183 -24.27 -7.98 1.88
N LEU A 184 -23.03 -7.66 2.15
CA LEU A 184 -22.39 -6.56 1.46
C LEU A 184 -22.38 -6.85 -0.05
N PRO A 185 -22.37 -5.83 -0.87
CA PRO A 185 -22.29 -6.11 -2.33
C PRO A 185 -21.14 -7.10 -2.67
N SER A 186 -21.36 -8.08 -3.53
CA SER A 186 -20.38 -9.13 -3.79
C SER A 186 -20.23 -9.44 -5.29
N ASP A 187 -19.23 -10.28 -5.58
CA ASP A 187 -18.98 -10.82 -6.94
C ASP A 187 -18.73 -9.68 -7.93
N GLU A 188 -19.48 -9.58 -9.01
CA GLU A 188 -19.26 -8.52 -10.05
C GLU A 188 -19.35 -7.14 -9.42
N TYR A 189 -20.13 -7.06 -8.34
CA TYR A 189 -20.36 -5.76 -7.71
C TYR A 189 -19.37 -5.46 -6.57
N ASP A 190 -18.27 -6.22 -6.52
CA ASP A 190 -17.14 -6.02 -5.57
C ASP A 190 -15.85 -5.81 -6.39
N VAL A 191 -15.31 -4.61 -6.39
CA VAL A 191 -14.33 -4.26 -7.41
C VAL A 191 -13.08 -3.59 -6.79
N PRO A 192 -11.90 -4.14 -7.02
CA PRO A 192 -10.73 -3.48 -6.52
C PRO A 192 -10.35 -2.35 -7.38
N LEU A 193 -9.77 -1.34 -6.77
CA LEU A 193 -9.32 -0.15 -7.45
C LEU A 193 -7.91 0.07 -6.98
N LEU A 194 -6.94 -0.39 -7.76
CA LEU A 194 -5.54 -0.12 -7.45
C LEU A 194 -5.10 1.13 -8.11
N ILE A 195 -4.79 2.13 -7.30
CA ILE A 195 -4.40 3.40 -7.79
C ILE A 195 -2.88 3.65 -7.81
N THR A 196 -2.37 3.97 -9.01
CA THR A 196 -0.94 4.16 -9.22
C THR A 196 -0.73 5.38 -10.11
N ASP A 197 0.04 6.37 -9.63
CA ASP A 197 0.38 7.50 -10.45
C ASP A 197 1.63 7.16 -11.23
N ARG A 198 1.74 7.67 -12.47
CA ARG A 198 2.85 7.36 -13.36
C ARG A 198 3.08 8.59 -14.16
N THR A 199 4.32 8.73 -14.60
CA THR A 199 4.65 9.64 -15.65
C THR A 199 5.05 8.80 -16.87
N ILE A 200 4.53 9.20 -18.03
CA ILE A 200 4.61 8.43 -19.25
C ILE A 200 5.18 9.30 -20.38
N ASN A 201 6.27 8.87 -21.01
CA ASN A 201 6.79 9.61 -22.17
C ASN A 201 5.91 9.47 -23.44
N GLU A 202 6.10 10.39 -24.39
CA GLU A 202 5.43 10.41 -25.67
C GLU A 202 5.46 9.07 -26.37
N ASP A 203 6.60 8.40 -26.37
CA ASP A 203 6.70 7.05 -26.94
C ASP A 203 6.02 5.96 -26.07
N GLY A 204 5.31 6.36 -25.01
CA GLY A 204 4.61 5.38 -24.13
C GLY A 204 5.47 4.64 -23.07
N SER A 205 6.77 4.94 -23.00
CA SER A 205 7.65 4.33 -22.07
C SER A 205 7.47 5.06 -20.74
N LEU A 206 7.64 4.31 -19.65
CA LEU A 206 7.61 4.90 -18.33
C LEU A 206 8.77 5.85 -18.10
N PHE A 207 8.50 6.98 -17.42
CA PHE A 207 9.52 7.87 -16.98
C PHE A 207 9.64 7.74 -15.46
N TYR A 208 10.86 7.59 -15.00
CA TYR A 208 11.10 7.58 -13.58
C TYR A 208 12.36 8.37 -13.52
N PRO A 209 12.41 9.33 -12.61
CA PRO A 209 13.50 10.26 -12.71
C PRO A 209 14.86 9.68 -12.33
N SER A 210 15.85 10.17 -13.01
CA SER A 210 17.23 9.76 -12.93
C SER A 210 18.00 10.54 -11.86
N ALA A 211 17.43 11.62 -11.41
CA ALA A 211 18.06 12.61 -10.54
C ALA A 211 16.97 13.64 -10.15
N PRO A 212 17.13 14.32 -8.99
CA PRO A 212 16.29 15.49 -8.68
C PRO A 212 16.43 16.53 -9.78
N GLU A 213 15.52 17.49 -9.83
CA GLU A 213 15.74 18.56 -10.81
C GLU A 213 16.77 19.54 -10.29
N ASN A 214 17.54 20.10 -11.23
CA ASN A 214 18.66 21.00 -10.90
C ASN A 214 19.63 20.24 -10.03
N PRO A 215 20.15 19.12 -10.55
CA PRO A 215 21.11 18.31 -9.81
C PRO A 215 22.42 19.08 -9.54
N SER A 216 22.68 19.34 -8.26
CA SER A 216 24.04 19.61 -7.81
C SER A 216 25.01 18.66 -8.60
N PRO A 217 26.15 19.19 -9.12
CA PRO A 217 27.05 18.27 -9.90
C PRO A 217 27.79 17.32 -8.98
N SER A 218 27.74 17.65 -7.68
CA SER A 218 28.09 16.72 -6.59
C SER A 218 27.39 15.33 -6.67
N LEU A 219 26.17 15.28 -7.24
CA LEU A 219 25.31 14.09 -7.19
C LEU A 219 25.82 12.99 -8.07
N PRO A 220 25.74 11.74 -7.59
CA PRO A 220 25.95 10.67 -8.54
C PRO A 220 24.82 10.62 -9.57
N ASN A 221 25.00 9.73 -10.55
CA ASN A 221 24.02 9.61 -11.64
C ASN A 221 24.00 8.16 -12.08
N PRO A 222 22.85 7.49 -11.89
CA PRO A 222 21.64 8.05 -11.29
C PRO A 222 21.72 8.36 -9.79
N SER A 223 20.84 9.26 -9.35
CA SER A 223 20.61 9.50 -7.94
C SER A 223 19.16 9.20 -7.56
N ILE A 224 18.93 8.47 -6.47
CA ILE A 224 17.62 8.37 -5.86
C ILE A 224 17.03 9.78 -5.68
N VAL A 225 15.72 9.93 -5.66
CA VAL A 225 15.07 11.17 -5.31
C VAL A 225 14.22 10.93 -4.06
N PRO A 226 14.02 11.94 -3.25
CA PRO A 226 13.25 11.73 -2.02
C PRO A 226 11.77 11.60 -2.19
N ALA A 227 11.24 11.82 -3.39
CA ALA A 227 9.79 11.81 -3.57
C ALA A 227 9.49 11.67 -5.01
N PHE A 228 8.49 10.88 -5.36
CA PHE A 228 8.08 10.85 -6.79
C PHE A 228 6.58 11.17 -7.00
N CYS A 229 6.28 12.18 -7.81
CA CYS A 229 4.91 12.61 -8.11
C CYS A 229 4.71 12.41 -9.61
N GLY A 230 3.82 11.48 -9.98
CA GLY A 230 3.52 11.17 -11.37
C GLY A 230 2.60 12.18 -11.99
N GLU A 231 2.74 12.39 -13.30
CA GLU A 231 1.85 13.39 -14.02
C GLU A 231 0.45 12.84 -14.27
N THR A 232 0.31 11.54 -14.28
CA THR A 232 -0.90 10.89 -14.69
C THR A 232 -1.34 9.92 -13.65
N ILE A 233 -2.64 9.73 -13.50
CA ILE A 233 -3.18 8.76 -12.53
C ILE A 233 -3.76 7.56 -13.24
N LEU A 234 -3.38 6.34 -12.87
CA LEU A 234 -4.00 5.13 -13.44
C LEU A 234 -4.82 4.44 -12.38
N VAL A 235 -5.88 3.74 -12.78
CA VAL A 235 -6.50 2.80 -11.90
C VAL A 235 -6.52 1.49 -12.59
N ASN A 236 -6.19 0.42 -11.88
CA ASN A 236 -6.09 -0.89 -12.47
C ASN A 236 -5.38 -0.92 -13.83
N GLY A 237 -4.29 -0.16 -13.91
CA GLY A 237 -3.45 -0.18 -15.11
C GLY A 237 -3.90 0.59 -16.35
N LYS A 238 -4.88 1.49 -16.22
CA LYS A 238 -5.23 2.42 -17.28
C LYS A 238 -5.26 3.83 -16.80
N VAL A 239 -4.79 4.77 -17.63
CA VAL A 239 -4.84 6.19 -17.35
C VAL A 239 -6.30 6.64 -17.30
N TRP A 240 -6.58 7.47 -16.30
CA TRP A 240 -7.89 8.01 -16.05
C TRP A 240 -9.08 7.30 -16.71
N PRO A 241 -9.47 6.17 -16.18
CA PRO A 241 -10.44 5.36 -16.88
C PRO A 241 -11.88 5.63 -16.44
N TYR A 242 -12.85 4.95 -17.08
CA TYR A 242 -14.25 5.05 -16.71
C TYR A 242 -14.72 3.67 -16.37
N LEU A 243 -15.67 3.59 -15.41
CA LEU A 243 -16.33 2.33 -15.15
C LEU A 243 -17.85 2.45 -15.33
N GLU A 244 -18.42 1.61 -16.20
CA GLU A 244 -19.85 1.59 -16.29
C GLU A 244 -20.34 0.80 -15.06
N VAL A 245 -21.25 1.39 -14.31
CA VAL A 245 -21.90 0.68 -13.21
C VAL A 245 -23.42 0.69 -13.35
N GLU A 246 -24.05 -0.31 -12.74
CA GLU A 246 -25.46 -0.38 -12.56
C GLU A 246 -25.89 0.55 -11.41
N PRO A 247 -27.16 1.04 -11.44
CA PRO A 247 -27.68 1.98 -10.46
C PRO A 247 -28.07 1.25 -9.18
N ARG A 248 -27.04 0.95 -8.39
CA ARG A 248 -27.19 0.12 -7.20
C ARG A 248 -25.91 0.21 -6.33
N LYS A 249 -25.88 -0.49 -5.21
CA LYS A 249 -24.69 -0.51 -4.36
C LYS A 249 -23.54 -1.37 -4.88
N TYR A 250 -22.35 -0.77 -4.82
CA TYR A 250 -21.11 -1.40 -5.19
C TYR A 250 -20.18 -1.35 -3.98
N ARG A 251 -19.38 -2.43 -3.79
CA ARG A 251 -18.20 -2.40 -2.90
C ARG A 251 -16.91 -2.22 -3.70
N PHE A 252 -16.07 -1.33 -3.28
CA PHE A 252 -14.81 -1.16 -3.92
C PHE A 252 -13.68 -1.36 -2.88
N ARG A 253 -12.61 -2.04 -3.30
CA ARG A 253 -11.45 -2.23 -2.45
C ARG A 253 -10.41 -1.27 -2.96
N VAL A 254 -10.24 -0.15 -2.29
CA VAL A 254 -9.39 0.89 -2.79
C VAL A 254 -8.00 0.79 -2.19
N ILE A 255 -6.95 0.72 -3.02
CA ILE A 255 -5.60 0.43 -2.60
C ILE A 255 -4.70 1.46 -3.20
N ASN A 256 -3.97 2.18 -2.37
CA ASN A 256 -3.03 3.11 -2.88
C ASN A 256 -1.73 2.39 -3.13
N ALA A 257 -1.46 2.09 -4.39
CA ALA A 257 -0.26 1.37 -4.83
C ALA A 257 0.73 2.28 -5.47
N SER A 258 0.68 3.54 -5.10
CA SER A 258 1.59 4.51 -5.60
C SER A 258 2.88 4.66 -4.71
N ASN A 259 3.96 5.13 -5.32
CA ASN A 259 5.23 5.17 -4.66
C ASN A 259 5.23 6.16 -3.47
N THR A 260 4.76 7.38 -3.72
CA THR A 260 4.83 8.54 -2.78
C THR A 260 3.47 9.20 -2.56
N ARG A 261 2.73 9.35 -3.66
CA ARG A 261 1.51 10.17 -3.67
C ARG A 261 0.45 9.74 -2.69
N THR A 262 -0.10 10.72 -2.00
CA THR A 262 -1.28 10.53 -1.17
C THR A 262 -2.44 11.15 -1.92
N TYR A 263 -3.61 10.51 -1.86
CA TYR A 263 -4.82 10.96 -2.51
C TYR A 263 -5.79 11.44 -1.46
N ASN A 264 -6.63 12.36 -1.85
CA ASN A 264 -7.75 12.76 -0.97
C ASN A 264 -8.97 12.78 -1.85
N LEU A 265 -9.81 11.78 -1.67
CA LEU A 265 -10.76 11.39 -2.68
C LEU A 265 -12.16 11.88 -2.40
N SER A 266 -12.88 12.24 -3.45
CA SER A 266 -14.28 12.65 -3.30
C SER A 266 -15.07 12.38 -4.58
N LEU A 267 -16.39 12.45 -4.49
CA LEU A 267 -17.22 12.31 -5.67
C LEU A 267 -17.72 13.69 -6.12
N ASP A 268 -17.54 14.00 -7.41
CA ASP A 268 -17.91 15.34 -7.87
C ASP A 268 -19.42 15.64 -7.93
N ASN A 269 -20.31 14.66 -7.75
CA ASN A 269 -21.73 14.95 -7.57
C ASN A 269 -22.09 15.13 -6.09
N GLY A 270 -21.10 15.30 -5.21
CA GLY A 270 -21.31 15.37 -3.74
C GLY A 270 -21.83 14.12 -3.00
N GLY A 271 -21.88 12.99 -3.65
CA GLY A 271 -22.28 11.77 -2.98
C GLY A 271 -21.24 11.30 -1.96
N ASP A 272 -21.72 10.43 -1.10
CA ASP A 272 -21.01 9.89 0.03
C ASP A 272 -20.33 8.53 -0.30
N PHE A 273 -19.19 8.28 0.32
CA PHE A 273 -18.70 6.92 0.47
C PHE A 273 -19.18 6.33 1.76
N ILE A 274 -19.40 5.04 1.83
CA ILE A 274 -19.68 4.36 3.09
C ILE A 274 -18.53 3.42 3.40
N GLN A 275 -17.68 3.82 4.34
CA GLN A 275 -16.48 3.05 4.62
C GLN A 275 -16.90 1.93 5.49
N ILE A 276 -16.61 0.72 5.05
CA ILE A 276 -16.91 -0.41 5.88
C ILE A 276 -15.65 -1.09 6.44
N GLY A 277 -14.48 -0.72 5.86
CA GLY A 277 -13.25 -1.44 6.13
C GLY A 277 -12.01 -0.61 6.08
N SER A 278 -11.01 -0.95 6.96
CA SER A 278 -9.65 -0.38 6.87
C SER A 278 -8.61 -1.49 6.50
N ASP A 279 -7.30 -1.13 6.52
CA ASP A 279 -6.26 -2.07 6.25
C ASP A 279 -6.50 -3.41 6.87
N GLY A 280 -6.92 -3.42 8.11
CA GLY A 280 -6.99 -4.67 8.90
C GLY A 280 -8.30 -5.38 8.93
N GLY A 281 -9.27 -4.89 8.15
CA GLY A 281 -10.59 -5.52 8.01
C GLY A 281 -11.76 -4.58 8.26
N LEU A 282 -12.93 -5.17 8.40
CA LEU A 282 -14.13 -4.46 8.73
C LEU A 282 -13.99 -3.59 10.00
N LEU A 283 -14.44 -2.35 9.88
CA LEU A 283 -14.62 -1.47 11.00
C LEU A 283 -15.73 -2.07 11.87
N PRO A 284 -15.73 -1.71 13.13
CA PRO A 284 -16.87 -2.06 14.01
C PRO A 284 -18.23 -1.47 13.51
N ARG A 285 -18.20 -0.25 13.03
CA ARG A 285 -19.40 0.46 12.49
C ARG A 285 -19.04 1.15 11.18
N SER A 286 -19.96 1.10 10.22
CA SER A 286 -19.79 1.86 8.97
C SER A 286 -19.77 3.32 9.23
N VAL A 287 -19.04 4.05 8.42
CA VAL A 287 -18.87 5.48 8.51
C VAL A 287 -19.22 6.19 7.15
N LYS A 288 -20.06 7.20 7.22
CA LYS A 288 -20.49 7.92 6.02
C LYS A 288 -19.43 9.01 5.86
N LEU A 289 -18.77 9.06 4.71
CA LEU A 289 -17.81 10.10 4.49
C LEU A 289 -18.02 10.81 3.17
N ASN A 290 -17.72 12.10 3.14
CA ASN A 290 -17.69 12.93 1.93
C ASN A 290 -16.33 12.83 1.24
N SER A 291 -15.28 12.66 2.04
CA SER A 291 -13.94 12.59 1.51
C SER A 291 -13.04 11.73 2.42
N PHE A 292 -11.86 11.33 1.93
CA PHE A 292 -10.90 10.61 2.76
C PHE A 292 -9.52 10.63 2.12
N SER A 293 -8.51 10.68 3.01
CA SER A 293 -7.12 10.64 2.68
C SER A 293 -6.67 9.19 2.59
N LEU A 294 -5.83 8.87 1.62
CA LEU A 294 -5.35 7.51 1.41
C LEU A 294 -3.88 7.63 0.99
N ALA A 295 -2.97 7.40 1.94
CA ALA A 295 -1.59 7.53 1.64
C ALA A 295 -1.07 6.18 1.13
N PRO A 296 0.20 6.11 0.66
CA PRO A 296 0.69 4.87 0.07
C PRO A 296 0.43 3.70 0.97
N ALA A 297 -0.12 2.62 0.40
CA ALA A 297 -0.37 1.36 1.06
C ALA A 297 -1.56 1.28 1.95
N GLU A 298 -2.22 2.39 2.24
CA GLU A 298 -3.51 2.30 2.93
C GLU A 298 -4.53 1.72 2.03
N ARG A 299 -5.52 1.10 2.64
CA ARG A 299 -6.63 0.58 1.91
C ARG A 299 -7.91 1.05 2.57
N TYR A 300 -8.88 1.35 1.73
CA TYR A 300 -10.23 1.66 2.17
C TYR A 300 -11.18 0.71 1.51
N ASP A 301 -12.05 0.08 2.31
CA ASP A 301 -13.03 -0.85 1.81
C ASP A 301 -14.35 -0.04 1.93
N ILE A 302 -14.95 0.26 0.78
CA ILE A 302 -16.09 1.21 0.72
C ILE A 302 -17.22 0.70 -0.09
N ILE A 303 -18.40 1.20 0.24
CA ILE A 303 -19.58 0.96 -0.54
C ILE A 303 -19.83 2.33 -1.17
N ILE A 304 -20.11 2.36 -2.46
CA ILE A 304 -20.66 3.53 -3.10
C ILE A 304 -22.07 3.16 -3.63
N ASP A 305 -23.06 3.99 -3.27
CA ASP A 305 -24.46 3.72 -3.61
C ASP A 305 -24.90 4.54 -4.84
N PHE A 306 -24.90 3.89 -5.99
CA PHE A 306 -25.19 4.62 -7.24
C PHE A 306 -26.73 4.58 -7.47
N THR A 307 -27.51 4.10 -6.50
CA THR A 307 -28.92 3.94 -6.73
C THR A 307 -29.63 5.21 -7.30
N ALA A 308 -29.30 6.39 -6.83
CA ALA A 308 -30.04 7.56 -7.10
C ALA A 308 -29.40 8.35 -8.24
N TYR A 309 -28.33 7.84 -8.84
CA TYR A 309 -27.65 8.59 -9.85
C TYR A 309 -27.68 7.99 -11.25
N GLU A 310 -28.71 7.22 -11.59
CA GLU A 310 -28.84 6.62 -12.87
C GLU A 310 -28.69 7.63 -13.98
N GLY A 311 -27.91 7.27 -15.00
CA GLY A 311 -27.56 8.15 -16.13
C GLY A 311 -26.33 9.04 -15.92
N GLU A 312 -25.90 9.24 -14.68
CA GLU A 312 -24.87 10.25 -14.37
C GLU A 312 -23.45 9.69 -14.63
N SER A 313 -22.59 10.58 -15.05
CA SER A 313 -21.13 10.48 -15.03
C SER A 313 -20.61 11.20 -13.78
N ILE A 314 -19.94 10.44 -12.92
CA ILE A 314 -19.50 10.91 -11.65
C ILE A 314 -17.99 10.70 -11.57
N ILE A 315 -17.25 11.78 -11.37
CA ILE A 315 -15.79 11.71 -11.24
C ILE A 315 -15.35 11.44 -9.79
N LEU A 316 -14.47 10.44 -9.63
CA LEU A 316 -13.72 10.26 -8.40
C LEU A 316 -12.54 11.20 -8.53
N ALA A 317 -12.65 12.22 -7.72
CA ALA A 317 -11.76 13.34 -7.72
C ALA A 317 -10.77 13.24 -6.55
N ASN A 318 -9.76 14.09 -6.66
CA ASN A 318 -8.65 14.11 -5.79
C ASN A 318 -8.24 15.57 -5.49
N SER A 319 -8.11 15.92 -4.21
CA SER A 319 -7.75 17.31 -3.85
C SER A 319 -6.35 17.43 -3.30
N ALA A 320 -5.65 16.31 -3.10
CA ALA A 320 -4.33 16.38 -2.41
C ALA A 320 -3.24 16.63 -3.40
N GLY A 321 -2.34 17.55 -3.08
CA GLY A 321 -1.27 17.83 -3.98
C GLY A 321 -0.10 16.85 -3.82
N CYS A 322 0.76 16.82 -4.82
CA CYS A 322 1.98 16.08 -4.75
C CYS A 322 3.00 16.95 -5.39
N GLY A 323 3.83 17.60 -4.58
CA GLY A 323 4.89 18.48 -5.08
C GLY A 323 4.36 19.80 -5.64
N GLY A 324 3.14 20.15 -5.21
CA GLY A 324 2.37 21.23 -5.79
C GLY A 324 0.87 21.02 -5.60
N ASP A 325 0.09 22.02 -5.95
CA ASP A 325 -1.36 21.87 -5.96
C ASP A 325 -1.77 20.94 -7.10
N VAL A 326 -2.88 20.24 -6.88
CA VAL A 326 -3.43 19.41 -7.92
C VAL A 326 -3.80 20.28 -9.10
N ASN A 327 -3.61 19.72 -10.28
CA ASN A 327 -4.02 20.32 -11.52
C ASN A 327 -5.40 19.75 -11.90
N PRO A 328 -6.44 20.63 -12.03
CA PRO A 328 -7.82 20.26 -12.37
C PRO A 328 -7.90 19.45 -13.62
N GLU A 329 -6.97 19.66 -14.52
CA GLU A 329 -7.00 18.93 -15.76
C GLU A 329 -6.42 17.52 -15.63
N THR A 330 -5.54 17.28 -14.62
CA THR A 330 -4.76 16.04 -14.58
C THR A 330 -5.02 15.28 -13.26
N ASP A 331 -4.21 15.59 -12.26
CA ASP A 331 -4.15 14.74 -11.06
C ASP A 331 -5.28 15.05 -10.11
N ALA A 332 -6.14 16.02 -10.46
CA ALA A 332 -7.39 16.22 -9.70
C ALA A 332 -8.37 15.12 -10.04
N ASN A 333 -8.09 14.35 -11.05
CA ASN A 333 -8.95 13.27 -11.49
C ASN A 333 -8.36 11.90 -11.25
N ILE A 334 -9.20 10.98 -10.79
CA ILE A 334 -8.83 9.57 -10.67
C ILE A 334 -9.50 8.71 -11.75
N MET A 335 -10.82 8.67 -11.69
CA MET A 335 -11.58 7.84 -12.60
C MET A 335 -13.00 8.41 -12.68
N GLN A 336 -13.81 7.83 -13.55
CA GLN A 336 -15.17 8.31 -13.76
C GLN A 336 -16.10 7.18 -13.75
N PHE A 337 -17.14 7.26 -12.95
CA PHE A 337 -18.17 6.17 -12.94
C PHE A 337 -19.25 6.63 -13.90
N ARG A 338 -19.79 5.72 -14.71
CA ARG A 338 -20.96 6.00 -15.56
C ARG A 338 -22.11 5.13 -15.16
N VAL A 339 -23.15 5.72 -14.57
CA VAL A 339 -24.26 4.94 -14.09
C VAL A 339 -25.25 4.59 -15.23
N THR A 340 -24.79 3.80 -16.20
CA THR A 340 -25.61 3.52 -17.38
C THR A 340 -25.82 2.03 -17.61
N LYS A 341 -25.40 1.19 -16.66
CA LYS A 341 -25.48 -0.23 -16.95
C LYS A 341 -26.80 -0.71 -16.41
N PRO A 342 -27.49 -1.50 -17.19
CA PRO A 342 -28.78 -1.92 -16.69
C PRO A 342 -28.66 -2.96 -15.56
N LEU A 343 -29.65 -2.99 -14.68
CA LEU A 343 -29.62 -3.88 -13.55
C LEU A 343 -29.60 -5.28 -14.07
N ALA A 344 -28.65 -6.13 -13.67
CA ALA A 344 -28.71 -7.55 -14.05
C ALA A 344 -29.66 -8.26 -13.12
N GLN A 345 -29.93 -7.69 -11.97
CA GLN A 345 -30.81 -8.25 -10.98
C GLN A 345 -31.13 -7.17 -9.92
N LYS A 346 -32.05 -7.52 -9.02
CA LYS A 346 -32.38 -6.68 -7.90
C LYS A 346 -31.16 -6.53 -7.03
N ASP A 347 -30.91 -5.32 -6.56
CA ASP A 347 -29.92 -5.08 -5.58
C ASP A 347 -30.37 -5.72 -4.23
N GLU A 348 -29.88 -6.91 -3.93
CA GLU A 348 -30.09 -7.50 -2.60
C GLU A 348 -28.96 -7.19 -1.59
N SER A 349 -27.94 -6.41 -1.96
CA SER A 349 -26.89 -6.10 -1.04
C SER A 349 -27.37 -5.13 0.00
N ARG A 350 -26.56 -4.96 1.04
CA ARG A 350 -26.90 -4.12 2.18
C ARG A 350 -25.76 -3.20 2.48
N LYS A 351 -26.08 -2.16 3.22
CA LYS A 351 -25.07 -1.31 3.79
C LYS A 351 -25.26 -1.25 5.30
N PRO A 352 -25.03 -2.36 5.99
CA PRO A 352 -25.28 -2.35 7.46
C PRO A 352 -24.44 -1.36 8.28
N LYS A 353 -25.01 -0.95 9.39
CA LYS A 353 -24.32 -0.13 10.35
C LYS A 353 -23.41 -1.00 11.21
N TYR A 354 -23.86 -2.19 11.57
CA TYR A 354 -23.21 -3.04 12.61
C TYR A 354 -22.41 -4.10 11.89
N LEU A 355 -21.09 -3.93 11.91
CA LEU A 355 -20.19 -4.71 11.03
C LEU A 355 -19.37 -5.74 11.80
N ALA A 356 -18.69 -5.32 12.82
CA ALA A 356 -17.81 -6.23 13.55
C ALA A 356 -17.65 -5.75 15.01
N SER A 357 -17.09 -6.63 15.75
CA SER A 357 -16.73 -6.39 17.11
C SER A 357 -15.68 -5.30 17.16
N TYR A 358 -15.78 -4.45 18.16
CA TYR A 358 -14.82 -3.38 18.39
C TYR A 358 -13.47 -3.95 18.87
N PRO A 359 -12.37 -3.39 18.36
CA PRO A 359 -11.03 -3.69 18.88
C PRO A 359 -10.83 -3.36 20.40
N SER A 360 -11.44 -2.24 20.84
CA SER A 360 -11.45 -1.80 22.27
C SER A 360 -12.13 -2.80 23.21
N VAL A 361 -12.77 -3.86 22.69
CA VAL A 361 -13.22 -4.97 23.56
C VAL A 361 -11.97 -5.63 24.19
N GLN A 362 -10.85 -5.59 23.49
CA GLN A 362 -9.64 -6.27 23.96
C GLN A 362 -9.02 -5.43 25.05
N HIS A 363 -8.52 -6.12 26.07
CA HIS A 363 -8.05 -5.48 27.31
C HIS A 363 -6.53 -5.63 27.60
N GLU A 364 -5.68 -5.80 26.58
CA GLU A 364 -4.30 -6.29 26.80
C GLU A 364 -3.40 -5.36 27.62
N ARG A 365 -2.56 -6.01 28.39
CA ARG A 365 -1.59 -5.38 29.18
C ARG A 365 -0.47 -4.81 28.31
N ILE A 366 0.01 -3.63 28.66
CA ILE A 366 1.04 -2.92 27.95
C ILE A 366 2.39 -3.34 28.47
N GLN A 367 3.03 -4.23 27.74
CA GLN A 367 4.32 -4.74 28.09
C GLN A 367 5.41 -3.71 27.94
N ASN A 368 5.24 -2.75 27.03
CA ASN A 368 6.36 -1.87 26.67
C ASN A 368 5.88 -0.70 25.86
N ILE A 369 6.67 0.36 25.88
CA ILE A 369 6.35 1.58 25.24
C ILE A 369 7.58 2.05 24.53
N ARG A 370 7.58 2.04 23.20
CA ARG A 370 8.73 2.53 22.46
C ARG A 370 8.48 3.90 21.92
N THR A 371 9.51 4.73 21.90
CA THR A 371 9.46 6.07 21.47
C THR A 371 10.28 6.07 20.21
N LEU A 372 9.71 6.44 19.06
CA LEU A 372 10.47 6.35 17.80
C LEU A 372 10.43 7.68 17.10
N LYS A 373 11.57 8.17 16.62
CA LYS A 373 11.54 9.44 15.94
C LYS A 373 11.76 9.29 14.43
N LEU A 374 11.12 10.16 13.65
CA LEU A 374 11.34 10.17 12.25
C LEU A 374 12.34 11.29 11.96
N ALA A 375 13.51 10.95 11.49
CA ALA A 375 14.59 11.91 11.38
C ALA A 375 15.44 11.62 10.14
N GLY A 376 16.67 12.07 10.13
CA GLY A 376 17.50 11.90 8.95
C GLY A 376 18.78 12.70 9.07
N THR A 377 19.65 12.48 8.12
CA THR A 377 20.91 13.10 8.10
C THR A 377 21.18 13.43 6.64
N GLN A 378 22.43 13.68 6.33
CA GLN A 378 22.81 14.08 5.03
C GLN A 378 24.07 13.30 4.60
N ASP A 379 24.03 12.71 3.38
CA ASP A 379 25.20 11.93 2.89
C ASP A 379 26.25 12.85 2.31
N GLU A 380 27.35 12.27 1.85
CA GLU A 380 28.51 12.94 1.32
C GLU A 380 28.25 13.68 0.03
N TYR A 381 27.09 13.42 -0.58
CA TYR A 381 26.73 14.07 -1.82
C TYR A 381 25.76 15.18 -1.58
N GLY A 382 25.36 15.40 -0.32
CA GLY A 382 24.36 16.44 -0.05
C GLY A 382 22.89 15.99 -0.04
N ARG A 383 22.59 14.71 -0.11
CA ARG A 383 21.22 14.28 -0.17
C ARG A 383 20.62 13.97 1.19
N PRO A 384 19.30 14.14 1.32
CA PRO A 384 18.71 13.75 2.57
C PRO A 384 18.66 12.23 2.67
N VAL A 385 19.04 11.66 3.83
CA VAL A 385 18.90 10.23 4.12
C VAL A 385 17.88 10.11 5.23
N LEU A 386 16.78 9.45 4.95
CA LEU A 386 15.72 9.41 5.92
C LEU A 386 15.88 8.12 6.79
N LEU A 387 15.80 8.33 8.11
CA LEU A 387 16.15 7.35 9.11
C LEU A 387 15.11 7.24 10.20
N LEU A 388 14.75 6.02 10.56
CA LEU A 388 13.88 5.77 11.73
C LEU A 388 14.79 5.71 12.98
N ASN A 389 14.58 6.61 13.93
CA ASN A 389 15.39 6.60 15.19
C ASN A 389 16.88 6.73 14.97
N ASN A 390 17.24 7.45 13.91
CA ASN A 390 18.62 7.74 13.57
C ASN A 390 19.47 6.50 13.33
N LYS A 391 18.83 5.40 12.94
CA LYS A 391 19.52 4.17 12.64
C LYS A 391 19.45 3.89 11.15
N ARG A 392 20.46 3.21 10.63
CA ARG A 392 20.43 2.73 9.27
C ARG A 392 19.81 1.33 9.26
N TRP A 393 19.30 0.93 8.10
CA TRP A 393 18.81 -0.41 7.91
C TRP A 393 19.80 -1.42 8.51
N HIS A 394 21.07 -1.28 8.15
CA HIS A 394 22.12 -2.25 8.44
C HIS A 394 22.54 -2.26 9.90
N ASP A 395 22.14 -1.27 10.72
CA ASP A 395 22.53 -1.23 12.13
C ASP A 395 21.87 -2.35 12.89
N PRO A 396 22.46 -2.73 14.06
CA PRO A 396 21.86 -3.81 14.85
C PRO A 396 20.45 -3.49 15.24
N VAL A 397 19.62 -4.51 15.26
CA VAL A 397 18.21 -4.42 15.52
C VAL A 397 17.87 -3.86 16.88
N THR A 398 16.90 -2.94 16.94
CA THR A 398 16.50 -2.34 18.21
C THR A 398 15.07 -2.50 18.52
N GLU A 399 14.22 -2.75 17.52
CA GLU A 399 12.82 -2.97 17.79
C GLU A 399 12.63 -4.49 17.94
N THR A 400 12.63 -4.92 19.20
CA THR A 400 12.59 -6.33 19.55
C THR A 400 11.42 -6.67 20.50
N PRO A 401 10.20 -6.53 20.02
CA PRO A 401 9.08 -6.92 20.88
C PRO A 401 9.05 -8.40 21.18
N LYS A 402 8.40 -8.81 22.26
CA LYS A 402 8.26 -10.23 22.60
C LYS A 402 6.98 -10.77 22.06
N VAL A 403 7.04 -11.95 21.47
CA VAL A 403 5.90 -12.55 20.90
C VAL A 403 4.76 -12.54 21.93
N GLY A 404 3.54 -12.31 21.46
CA GLY A 404 2.38 -12.40 22.27
C GLY A 404 2.11 -11.20 23.12
N THR A 405 3.02 -10.21 23.17
CA THR A 405 2.84 -9.07 24.04
C THR A 405 2.38 -7.86 23.24
N THR A 406 1.80 -6.90 23.95
CA THR A 406 1.28 -5.66 23.35
C THR A 406 2.17 -4.47 23.71
N GLU A 407 2.52 -3.65 22.73
CA GLU A 407 3.32 -2.44 22.98
C GLU A 407 2.56 -1.21 22.50
N ILE A 408 2.89 -0.07 23.06
CA ILE A 408 2.49 1.18 22.52
C ILE A 408 3.69 1.76 21.84
N TRP A 409 3.52 2.17 20.58
CA TRP A 409 4.61 2.82 19.88
C TRP A 409 4.22 4.29 19.74
N SER A 410 5.06 5.17 20.28
CA SER A 410 4.94 6.61 20.07
C SER A 410 5.87 7.09 19.01
N ILE A 411 5.28 7.64 17.96
CA ILE A 411 6.02 7.96 16.78
C ILE A 411 6.05 9.47 16.68
N ILE A 412 7.23 10.02 16.84
CA ILE A 412 7.48 11.42 16.85
C ILE A 412 7.94 11.88 15.49
N ASN A 413 7.19 12.82 14.91
CA ASN A 413 7.50 13.32 13.60
C ASN A 413 7.77 14.80 13.59
N PRO A 414 9.03 15.18 13.62
CA PRO A 414 9.42 16.57 13.54
C PRO A 414 9.77 17.05 12.15
N THR A 415 9.54 16.21 11.14
CA THR A 415 9.87 16.57 9.76
C THR A 415 8.76 17.46 9.20
N ARG A 416 8.93 17.87 7.96
CA ARG A 416 7.97 18.77 7.30
C ARG A 416 6.69 18.11 6.73
N GLY A 417 6.68 16.79 6.54
CA GLY A 417 5.58 16.11 5.82
C GLY A 417 5.07 14.88 6.57
N THR A 418 4.03 14.26 6.04
CA THR A 418 3.50 13.03 6.58
C THR A 418 4.36 11.85 6.11
N HIS A 419 4.47 10.84 6.96
CA HIS A 419 5.00 9.57 6.59
C HIS A 419 4.03 8.51 6.91
N PRO A 420 3.73 7.66 5.92
CA PRO A 420 2.83 6.57 6.22
C PRO A 420 3.62 5.41 6.80
N ILE A 421 3.52 5.19 8.13
CA ILE A 421 4.33 4.20 8.78
C ILE A 421 3.61 2.89 8.77
N HIS A 422 4.37 1.85 8.43
CA HIS A 422 3.85 0.53 8.27
C HIS A 422 4.68 -0.50 9.08
N LEU A 423 3.97 -1.42 9.73
CA LEU A 423 4.54 -2.52 10.50
C LEU A 423 4.13 -3.81 9.84
N HIS A 424 5.07 -4.69 9.60
CA HIS A 424 4.72 -5.96 9.06
C HIS A 424 4.09 -6.81 10.11
N LEU A 425 3.53 -7.92 9.64
CA LEU A 425 2.87 -8.92 10.43
C LEU A 425 1.56 -8.53 11.07
N VAL A 426 1.61 -7.44 11.79
CA VAL A 426 0.49 -7.13 12.67
C VAL A 426 -0.46 -6.10 12.02
N SER A 427 -1.70 -6.04 12.50
CA SER A 427 -2.45 -4.84 12.47
C SER A 427 -2.51 -4.29 13.86
N PHE A 428 -2.77 -2.98 13.96
CA PHE A 428 -2.81 -2.30 15.18
C PHE A 428 -3.93 -1.26 15.35
N ARG A 429 -4.06 -0.75 16.57
CA ARG A 429 -5.06 0.24 16.91
C ARG A 429 -4.37 1.56 16.95
N VAL A 430 -5.17 2.60 16.66
CA VAL A 430 -4.71 3.98 16.73
C VAL A 430 -5.21 4.51 18.07
N LEU A 431 -4.28 5.05 18.86
CA LEU A 431 -4.68 5.53 20.18
C LEU A 431 -4.98 7.05 20.08
N ASP A 432 -4.01 7.85 19.63
CA ASP A 432 -4.25 9.27 19.47
C ASP A 432 -3.12 9.99 18.78
N ARG A 433 -3.33 11.27 18.47
CA ARG A 433 -2.30 12.11 17.83
C ARG A 433 -2.13 13.42 18.65
N ARG A 434 -0.92 13.97 18.72
CA ARG A 434 -0.73 15.14 19.56
C ARG A 434 0.29 16.13 19.07
N PRO A 435 -0.10 17.41 18.96
CA PRO A 435 0.91 18.31 18.35
C PRO A 435 2.01 18.66 19.33
N PHE A 436 3.22 18.92 18.84
CA PHE A 436 4.34 19.27 19.69
C PHE A 436 5.17 20.37 19.02
N ASP A 437 6.07 20.97 19.82
CA ASP A 437 6.89 22.10 19.41
C ASP A 437 8.14 21.56 18.74
N ILE A 438 8.18 21.77 17.44
CA ILE A 438 9.20 21.13 16.61
C ILE A 438 10.57 21.71 16.91
N ALA A 439 10.66 23.05 16.88
CA ALA A 439 11.94 23.79 17.09
C ALA A 439 12.55 23.41 18.42
N ARG A 440 11.71 23.35 19.45
CA ARG A 440 12.15 22.88 20.77
C ARG A 440 12.69 21.43 20.74
N TYR A 441 12.04 20.57 19.95
CA TYR A 441 12.39 19.15 19.91
C TYR A 441 13.73 19.06 19.22
N GLN A 442 13.91 19.85 18.15
CA GLN A 442 15.14 19.76 17.34
C GLN A 442 16.33 20.31 18.16
N GLU A 443 16.09 21.35 18.96
CA GLU A 443 17.15 22.05 19.71
C GLU A 443 17.63 21.26 20.94
N SER A 444 16.71 20.62 21.64
CA SER A 444 17.01 20.02 22.93
C SER A 444 16.59 18.55 23.09
N GLY A 445 15.99 17.94 22.06
CA GLY A 445 15.35 16.61 22.25
C GLY A 445 14.12 16.52 23.20
N GLU A 446 13.65 17.64 23.74
CA GLU A 446 12.62 17.56 24.76
C GLU A 446 11.27 17.72 24.09
N LEU A 447 10.32 16.94 24.61
CA LEU A 447 9.03 16.79 23.99
C LEU A 447 7.95 17.60 24.70
N SER A 448 7.62 18.75 24.15
CA SER A 448 6.60 19.61 24.78
C SER A 448 5.29 19.80 23.96
N TYR A 449 4.19 19.33 24.49
CA TYR A 449 2.95 19.38 23.74
C TYR A 449 2.35 20.79 23.62
N THR A 450 1.81 21.12 22.45
CA THR A 450 1.16 22.43 22.22
C THR A 450 -0.37 22.29 22.21
N GLY A 451 -0.92 21.21 22.73
CA GLY A 451 -2.40 21.02 22.61
C GLY A 451 -2.69 19.59 23.04
N PRO A 452 -3.97 19.29 23.35
CA PRO A 452 -4.33 17.94 23.81
C PRO A 452 -4.29 16.83 22.72
N ALA A 453 -4.33 15.60 23.21
CA ALA A 453 -4.36 14.44 22.38
C ALA A 453 -5.68 14.46 21.65
N VAL A 454 -5.64 14.11 20.36
CA VAL A 454 -6.83 13.93 19.55
C VAL A 454 -7.10 12.44 19.27
N PRO A 455 -8.24 11.92 19.68
CA PRO A 455 -8.39 10.50 19.39
C PRO A 455 -8.60 10.27 17.91
N PRO A 456 -8.51 9.00 17.45
CA PRO A 456 -8.74 8.77 15.99
C PRO A 456 -10.19 9.06 15.51
N PRO A 457 -10.35 9.52 14.27
CA PRO A 457 -11.74 9.52 13.74
C PRO A 457 -12.19 8.11 13.58
N PRO A 458 -13.50 7.94 13.38
CA PRO A 458 -14.12 6.64 13.27
C PRO A 458 -13.48 5.73 12.21
N SER A 459 -12.93 6.32 11.15
CA SER A 459 -12.24 5.58 10.12
C SER A 459 -11.04 4.75 10.66
N GLU A 460 -10.42 5.29 11.74
CA GLU A 460 -9.24 4.76 12.38
C GLU A 460 -9.58 4.09 13.74
N LYS A 461 -10.85 3.74 13.92
CA LYS A 461 -11.24 3.03 15.14
C LYS A 461 -11.22 1.53 15.01
N GLY A 462 -10.82 1.03 13.85
CA GLY A 462 -10.69 -0.40 13.62
C GLY A 462 -9.22 -0.79 13.61
N TRP A 463 -8.81 -1.66 12.65
CA TRP A 463 -7.47 -2.15 12.55
C TRP A 463 -6.77 -1.56 11.36
N LYS A 464 -5.58 -1.04 11.67
CA LYS A 464 -4.69 -0.48 10.70
C LYS A 464 -3.29 -1.17 10.65
N ASP A 465 -2.65 -1.12 9.50
CA ASP A 465 -1.27 -1.52 9.39
C ASP A 465 -0.39 -0.50 8.72
N THR A 466 -0.99 0.53 8.13
CA THR A 466 -0.22 1.64 7.58
C THR A 466 -0.90 2.94 8.05
N ILE A 467 -0.16 3.85 8.63
CA ILE A 467 -0.83 4.89 9.38
C ILE A 467 -0.09 6.16 9.18
N GLN A 468 -0.85 7.22 8.94
CA GLN A 468 -0.29 8.45 8.54
C GLN A 468 0.17 9.17 9.78
N ALA A 469 1.46 9.45 9.85
CA ALA A 469 2.06 10.20 10.94
C ALA A 469 2.38 11.59 10.44
N HIS A 470 1.54 12.55 10.81
CA HIS A 470 1.60 13.90 10.24
C HIS A 470 2.72 14.65 10.96
N ALA A 471 3.18 15.70 10.32
CA ALA A 471 4.24 16.60 10.83
C ALA A 471 3.82 17.35 12.12
N GLY A 472 4.82 17.58 12.97
CA GLY A 472 4.62 18.20 14.25
C GLY A 472 3.66 17.46 15.13
N GLU A 473 3.59 16.12 14.99
CA GLU A 473 2.78 15.34 15.88
C GLU A 473 3.47 14.07 16.37
N VAL A 474 2.98 13.64 17.53
CA VAL A 474 3.24 12.37 18.07
C VAL A 474 2.00 11.50 17.87
N LEU A 475 2.22 10.34 17.25
CA LEU A 475 1.16 9.35 16.97
C LEU A 475 1.39 8.15 17.87
N ARG A 476 0.37 7.70 18.57
CA ARG A 476 0.49 6.50 19.38
C ARG A 476 -0.38 5.41 18.81
N ILE A 477 0.20 4.23 18.69
CA ILE A 477 -0.50 3.05 18.24
C ILE A 477 -0.23 1.95 19.24
N ALA A 478 -1.11 0.99 19.27
CA ALA A 478 -0.98 -0.14 20.14
C ALA A 478 -1.08 -1.40 19.30
N ALA A 479 -0.06 -2.26 19.37
CA ALA A 479 -0.04 -3.51 18.58
C ALA A 479 0.31 -4.72 19.43
N THR A 480 -0.34 -5.84 19.14
CA THR A 480 0.01 -7.11 19.74
C THR A 480 0.87 -7.88 18.77
N PHE A 481 2.11 -8.16 19.16
CA PHE A 481 3.06 -8.82 18.24
C PHE A 481 2.95 -10.35 18.24
N GLY A 482 2.33 -10.87 17.19
CA GLY A 482 2.07 -12.29 17.06
C GLY A 482 1.19 -12.50 15.83
N PRO A 483 0.82 -13.72 15.54
CA PRO A 483 1.07 -14.87 16.44
C PRO A 483 2.45 -15.53 16.24
N TYR A 484 3.18 -15.14 15.20
CA TYR A 484 4.48 -15.74 14.88
C TYR A 484 5.58 -14.91 15.50
N SER A 485 6.71 -15.57 15.75
CA SER A 485 7.97 -14.90 16.03
C SER A 485 8.84 -14.96 14.79
N GLY A 486 9.90 -14.12 14.81
CA GLY A 486 10.83 -14.07 13.74
C GLY A 486 11.31 -12.69 13.36
N ARG A 487 11.85 -12.65 12.17
CA ARG A 487 12.47 -11.44 11.69
C ARG A 487 11.59 -10.76 10.57
N TYR A 488 11.07 -9.59 10.90
CA TYR A 488 10.17 -8.81 10.07
C TYR A 488 10.75 -7.38 9.88
N VAL A 489 9.97 -6.40 9.39
CA VAL A 489 10.44 -5.05 9.20
C VAL A 489 9.35 -4.09 9.57
N TRP A 490 9.74 -2.82 9.74
CA TRP A 490 8.80 -1.71 9.86
C TRP A 490 9.41 -0.55 9.10
N HIS A 491 8.57 0.30 8.50
CA HIS A 491 9.11 1.28 7.57
C HIS A 491 8.09 2.33 7.12
N CYS A 492 8.61 3.46 6.66
CA CYS A 492 7.79 4.39 5.89
C CYS A 492 7.49 3.72 4.58
N HIS A 493 6.26 3.84 4.07
CA HIS A 493 5.81 3.24 2.83
C HIS A 493 5.77 4.22 1.66
N ILE A 494 6.35 5.38 1.85
CA ILE A 494 6.84 6.12 0.76
C ILE A 494 8.11 5.38 0.27
N LEU A 495 8.03 4.75 -0.90
CA LEU A 495 9.11 3.87 -1.36
C LEU A 495 10.46 4.58 -1.53
N GLU A 496 10.42 5.80 -2.01
CA GLU A 496 11.61 6.65 -2.11
C GLU A 496 12.32 6.90 -0.74
N HIS A 497 11.54 6.89 0.34
CA HIS A 497 12.08 7.00 1.68
C HIS A 497 12.56 5.67 2.15
N GLU A 498 11.67 4.68 1.97
CA GLU A 498 11.98 3.28 2.33
C GLU A 498 13.35 2.83 1.85
N ASP A 499 13.69 3.14 0.61
CA ASP A 499 14.92 2.62 0.03
C ASP A 499 16.14 3.38 0.49
N TYR A 500 15.95 4.53 1.15
CA TYR A 500 17.09 5.30 1.55
C TYR A 500 16.81 6.31 2.68
N ASP A 501 16.68 5.84 3.90
CA ASP A 501 16.93 4.47 4.32
C ASP A 501 15.97 4.18 5.44
N MET A 502 14.69 4.48 5.19
CA MET A 502 13.69 4.64 6.28
C MET A 502 12.97 3.33 6.56
N MET A 503 13.76 2.35 6.90
CA MET A 503 13.31 0.97 7.04
C MET A 503 14.22 0.31 8.07
N ARG A 504 13.61 -0.38 9.04
CA ARG A 504 14.37 -1.07 10.05
C ARG A 504 13.84 -2.48 10.19
N PRO A 505 14.71 -3.40 10.57
CA PRO A 505 14.29 -4.73 10.99
C PRO A 505 13.52 -4.70 12.27
N MET A 506 12.70 -5.71 12.46
CA MET A 506 11.90 -5.80 13.68
C MET A 506 11.95 -7.29 14.02
N ASP A 507 12.45 -7.61 15.20
CA ASP A 507 12.52 -9.01 15.64
C ASP A 507 11.47 -9.26 16.65
N ILE A 508 10.60 -10.20 16.38
CA ILE A 508 9.64 -10.61 17.35
C ILE A 508 10.23 -11.87 18.02
N THR A 509 10.58 -11.75 19.31
CA THR A 509 11.37 -12.79 19.98
C THR A 509 10.51 -13.76 20.77
N ASP A 510 10.99 -15.00 20.90
CA ASP A 510 10.51 -16.02 21.85
C ASP A 510 11.30 -16.05 23.20
N PRO A 511 10.60 -16.07 24.35
CU CU1 B . 8.62 8.73 4.71
CU CU1 C . 3.46 -2.73 1.26
CU CU1 D . 7.26 -3.57 3.98
CU CU1 E . 3.88 -4.94 4.61
O1 OXY F . 5.16 -3.54 3.04
O2 OXY F . 5.88 -2.82 2.31
C1 EBS G . 9.04 15.54 -0.33
C2 EBS G . 9.03 14.89 1.01
C3 EBS G . 7.82 15.69 -1.03
C4 EBS G . 7.79 14.47 1.53
C5 EBS G . 6.60 15.25 -0.46
C6 EBS G . 6.60 14.63 0.81
N7 EBS G . 10.32 14.86 1.47
C8 EBS G . 11.18 15.42 0.59
S9 EBS G . 10.57 16.03 -0.92
C10 EBS G . 15.14 19.14 0.94
C11 EBS G . 15.87 18.59 -0.24
C12 EBS G . 15.56 20.37 1.41
C13 EBS G . 16.92 19.26 -0.84
C14 EBS G . 16.61 21.02 0.78
C15 EBS G . 17.30 20.50 -0.32
N16 EBS G . 15.32 17.43 -0.58
C17 EBS G . 14.30 17.11 0.29
S18 EBS G . 13.87 18.21 1.58
N19 EBS G . 13.58 15.96 0.14
N20 EBS G . 12.52 15.47 0.95
C21 EBS G . 15.94 16.71 -1.71
C22 EBS G . 15.24 16.97 -3.05
S23 EBS G . 17.12 22.42 1.31
C24 EBS G . 10.77 14.33 2.77
C25 EBS G . 11.23 15.48 3.65
S26 EBS G . 5.22 15.43 -1.31
O39 EBS G . 17.61 22.22 2.66
O45 EBS G . 5.65 15.33 -2.67
O46 EBS G . 4.23 14.44 -0.94
O47 EBS G . 4.56 16.94 -1.23
O48 EBS G . 16.03 23.36 1.34
O49 EBS G . 18.32 22.91 0.29
C1 GOL H . 14.80 -15.55 6.59
O1 GOL H . 14.78 -15.75 8.00
C2 GOL H . 13.90 -14.33 6.30
O2 GOL H . 13.16 -14.56 5.01
C3 GOL H . 13.22 -14.11 7.65
O3 GOL H . 13.98 -14.46 8.89
C1 GOL I . 9.82 -25.34 0.81
O1 GOL I . 8.35 -25.31 1.08
C2 GOL I . 10.37 -24.24 -0.15
O2 GOL I . 9.27 -23.44 -0.62
C3 GOL I . 11.23 -24.56 -1.42
O3 GOL I . 12.53 -23.92 -1.46
C1 GOL J . 2.56 -28.38 -1.99
O1 GOL J . 2.59 -28.23 -3.45
C2 GOL J . 3.82 -27.84 -1.36
O2 GOL J . 4.00 -27.60 0.08
C3 GOL J . 4.04 -26.50 -1.98
O3 GOL J . 5.31 -26.13 -1.47
C1 GOL K . 8.35 -18.82 13.21
O1 GOL K . 7.60 -20.01 13.42
C2 GOL K . 8.01 -18.27 11.83
O2 GOL K . 7.80 -16.79 11.67
C3 GOL K . 9.09 -18.88 10.91
O3 GOL K . 10.42 -18.43 11.14
C1 GOL L . 4.68 7.49 25.97
O1 GOL L . 3.92 8.25 25.03
C2 GOL L . 6.16 7.93 26.02
O2 GOL L . 6.54 8.54 24.77
C3 GOL L . 7.08 6.74 26.39
O3 GOL L . 8.20 6.98 27.27
C1 GOL M . 7.03 -25.80 -0.71
O1 GOL M . 8.38 -25.49 -1.06
C2 GOL M . 6.86 -27.25 -1.11
O2 GOL M . 5.93 -27.86 -0.04
C3 GOL M . 6.71 -27.35 -2.73
O3 GOL M . 7.87 -27.55 -3.60
C1 GOL N . 6.87 11.27 26.25
O1 GOL N . 6.21 12.47 26.71
C2 GOL N . 8.39 11.21 26.51
O2 GOL N . 9.16 11.70 25.40
C3 GOL N . 8.81 9.75 26.74
O3 GOL N . 10.22 9.58 26.82
#